data_4N4V
#
_entry.id   4N4V
#
_cell.length_a   41.986
_cell.length_b   77.715
_cell.length_c   147.777
_cell.angle_alpha   90.00
_cell.angle_beta   90.00
_cell.angle_gamma   90.00
#
_symmetry.space_group_name_H-M   'P 21 21 21'
#
loop_
_entity.id
_entity.type
_entity.pdbx_description
1 polymer Tankyrase-1
2 non-polymer 'ZINC ION'
3 non-polymer (4S)-3-{trans-4-[6-amino-5-(pyrimidin-2-yl)pyridin-3-yl]cyclohexyl}-5,5-dimethyl-4-phenyl-1,3-oxazolidin-2-one
4 water water
#
_entity_poly.entity_id   1
_entity_poly.type   'polypeptide(L)'
_entity_poly.pdbx_seq_one_letter_code
;QGTILLDLAPEDKEYQSVEEEMQSTIREHRDGGNAGGIFNRYNVIRIQKVVNKKLRERFCHRQKEVSEENHNHHNERMLF
HGSPFINAIIHKGFDERHAYIGGMFGAGIYFAENSSKSNQYVYGIGGGTGCPTHKDRSCYICHRQMLFCRVTLGKSFLQF
STMKMAHAPPGHHSVIGRPSVNGLAYAEYVIYRGEQAYPEYLITYQIMKPEHHHHHH
;
_entity_poly.pdbx_strand_id   A,B
#
# COMPACT_ATOMS: atom_id res chain seq x y z
N GLN A 1 -0.22 22.81 -29.36
CA GLN A 1 -1.62 22.39 -29.05
C GLN A 1 -1.68 20.88 -28.90
N GLY A 2 -1.44 20.17 -30.00
CA GLY A 2 -1.47 18.72 -29.92
C GLY A 2 -0.29 18.26 -29.10
N THR A 3 0.19 17.06 -29.32
CA THR A 3 1.35 16.60 -28.57
C THR A 3 2.57 16.78 -29.45
N ILE A 4 3.72 16.96 -28.82
CA ILE A 4 4.96 17.10 -29.55
C ILE A 4 5.84 15.99 -29.01
N LEU A 5 6.40 15.18 -29.91
CA LEU A 5 7.28 14.09 -29.48
C LEU A 5 8.72 14.59 -29.63
N LEU A 6 9.49 14.50 -28.55
CA LEU A 6 10.87 14.99 -28.51
C LEU A 6 11.87 13.82 -28.47
N ASP A 7 12.66 13.66 -29.54
CA ASP A 7 13.67 12.59 -29.60
C ASP A 7 14.79 12.81 -28.59
N LEU A 8 15.08 11.77 -27.81
CA LEU A 8 16.18 11.85 -26.86
C LEU A 8 17.34 11.17 -27.57
N ALA A 9 18.55 11.65 -27.32
CA ALA A 9 19.71 11.05 -27.95
C ALA A 9 20.31 10.02 -27.02
N PRO A 10 20.85 8.91 -27.56
CA PRO A 10 21.44 7.89 -26.70
C PRO A 10 22.53 8.41 -25.76
N GLU A 11 23.17 9.53 -26.11
CA GLU A 11 24.20 10.13 -25.29
C GLU A 11 23.61 10.89 -24.07
N ASP A 12 22.30 11.16 -24.08
CA ASP A 12 21.60 11.89 -23.08
C ASP A 12 21.39 10.93 -21.90
N LYS A 13 21.72 11.36 -20.69
CA LYS A 13 21.55 10.49 -19.53
C LYS A 13 20.08 10.03 -19.35
N GLU A 14 19.12 10.87 -19.71
CA GLU A 14 17.71 10.54 -19.56
C GLU A 14 17.35 9.36 -20.44
N TYR A 15 17.94 9.31 -21.63
CA TYR A 15 17.70 8.22 -22.57
C TYR A 15 18.24 6.95 -21.93
N GLN A 16 19.50 7.02 -21.53
CA GLN A 16 20.17 5.88 -20.91
C GLN A 16 19.36 5.43 -19.70
N SER A 17 18.94 6.38 -18.89
CA SER A 17 18.16 6.11 -17.69
C SER A 17 16.89 5.32 -18.00
N VAL A 18 16.11 5.79 -18.98
CA VAL A 18 14.88 5.12 -19.34
C VAL A 18 15.12 3.71 -19.90
N GLU A 19 16.10 3.57 -20.80
CA GLU A 19 16.38 2.25 -21.36
C GLU A 19 16.81 1.25 -20.28
N GLU A 20 17.69 1.68 -19.39
CA GLU A 20 18.16 0.81 -18.32
C GLU A 20 17.03 0.19 -17.51
N GLU A 21 16.08 1.03 -17.11
CA GLU A 21 14.95 0.56 -16.32
C GLU A 21 14.19 -0.52 -17.11
N MET A 22 13.97 -0.26 -18.40
CA MET A 22 13.28 -1.21 -19.27
C MET A 22 14.05 -2.53 -19.36
N GLN A 23 15.28 -2.48 -19.85
CA GLN A 23 16.10 -3.68 -20.00
C GLN A 23 16.22 -4.47 -18.70
N SER A 24 16.47 -3.76 -17.60
CA SER A 24 16.65 -4.39 -16.30
C SER A 24 15.41 -4.95 -15.64
N THR A 25 14.22 -4.59 -16.12
CA THR A 25 13.01 -5.12 -15.49
C THR A 25 12.39 -6.25 -16.30
N ILE A 26 13.24 -6.93 -17.06
CA ILE A 26 12.78 -8.05 -17.87
C ILE A 26 12.84 -9.22 -16.93
N ARG A 27 11.74 -9.91 -16.86
CA ARG A 27 11.78 -10.92 -15.88
C ARG A 27 11.04 -12.14 -16.53
N GLU A 28 11.29 -13.35 -15.99
CA GLU A 28 10.74 -14.59 -16.55
C GLU A 28 9.28 -14.71 -16.17
N HIS A 29 8.47 -15.14 -17.13
CA HIS A 29 7.05 -15.27 -16.86
C HIS A 29 6.58 -16.72 -17.04
N ARG A 30 5.73 -17.17 -16.13
CA ARG A 30 5.21 -18.54 -16.10
C ARG A 30 4.62 -19.13 -17.40
N ASP A 31 4.41 -18.28 -18.41
CA ASP A 31 3.81 -18.75 -19.66
C ASP A 31 4.70 -19.26 -20.78
N GLY A 32 5.97 -19.57 -20.48
CA GLY A 32 6.84 -20.07 -21.51
C GLY A 32 7.11 -19.11 -22.67
N GLY A 33 6.78 -17.84 -22.46
CA GLY A 33 6.98 -16.81 -23.46
C GLY A 33 5.81 -16.63 -24.41
N ASN A 34 4.74 -17.37 -24.15
CA ASN A 34 3.57 -17.33 -25.01
C ASN A 34 2.94 -15.97 -25.25
N ALA A 35 2.82 -15.14 -24.22
CA ALA A 35 2.20 -13.82 -24.38
C ALA A 35 3.06 -12.76 -25.05
N GLY A 36 4.25 -12.50 -24.50
CA GLY A 36 5.12 -11.48 -25.05
C GLY A 36 6.34 -11.90 -25.87
N GLY A 37 6.54 -13.21 -26.02
CA GLY A 37 7.66 -13.70 -26.80
C GLY A 37 8.86 -14.16 -25.99
N ILE A 38 9.72 -14.95 -26.62
CA ILE A 38 10.92 -15.46 -25.98
C ILE A 38 12.07 -14.51 -26.28
N PHE A 39 12.58 -13.87 -25.23
CA PHE A 39 13.66 -12.91 -25.40
C PHE A 39 14.35 -12.61 -24.08
N ASN A 40 15.64 -12.27 -24.10
CA ASN A 40 16.31 -11.93 -22.89
C ASN A 40 16.71 -10.45 -22.91
N ARG A 41 16.27 -9.78 -23.97
CA ARG A 41 16.58 -8.38 -24.11
C ARG A 41 15.77 -7.66 -25.17
N TYR A 42 15.79 -6.34 -25.15
CA TYR A 42 15.09 -5.53 -26.15
C TYR A 42 16.12 -4.78 -27.00
N ASN A 43 15.69 -4.32 -28.17
CA ASN A 43 16.50 -3.49 -29.02
C ASN A 43 15.73 -2.18 -28.97
N VAL A 44 16.16 -1.27 -28.10
CA VAL A 44 15.50 0.02 -27.95
C VAL A 44 15.91 0.88 -29.14
N ILE A 45 14.99 1.06 -30.08
CA ILE A 45 15.31 1.83 -31.26
C ILE A 45 14.92 3.28 -31.21
N ARG A 46 14.12 3.65 -30.21
CA ARG A 46 13.68 5.03 -30.12
C ARG A 46 13.04 5.33 -28.76
N ILE A 47 13.28 6.53 -28.24
CA ILE A 47 12.73 6.96 -26.96
C ILE A 47 12.39 8.44 -27.07
N GLN A 48 11.12 8.75 -27.09
CA GLN A 48 10.68 10.13 -27.24
C GLN A 48 9.92 10.63 -26.03
N LYS A 49 10.23 11.86 -25.65
CA LYS A 49 9.57 12.51 -24.54
C LYS A 49 8.25 12.97 -25.13
N VAL A 50 7.18 12.87 -24.33
CA VAL A 50 5.88 13.30 -24.80
C VAL A 50 5.57 14.63 -24.15
N VAL A 51 5.39 15.66 -24.98
CA VAL A 51 5.12 17.00 -24.49
C VAL A 51 3.75 17.46 -24.95
N ASN A 52 2.85 17.67 -23.98
CA ASN A 52 1.49 18.11 -24.26
C ASN A 52 1.00 19.03 -23.15
N LYS A 53 1.06 20.33 -23.39
CA LYS A 53 0.65 21.31 -22.38
C LYS A 53 -0.67 20.95 -21.69
N LYS A 54 -1.73 20.78 -22.47
CA LYS A 54 -3.04 20.43 -21.91
C LYS A 54 -2.95 19.25 -20.97
N LEU A 55 -2.45 18.11 -21.45
CA LEU A 55 -2.34 16.90 -20.63
C LEU A 55 -1.54 17.08 -19.34
N ARG A 56 -0.40 17.76 -19.41
CA ARG A 56 0.41 17.97 -18.23
C ARG A 56 -0.39 18.72 -17.18
N GLU A 57 -1.05 19.79 -17.62
CA GLU A 57 -1.84 20.61 -16.72
C GLU A 57 -3.01 19.87 -16.06
N ARG A 58 -3.71 19.03 -16.82
CA ARG A 58 -4.81 18.28 -16.24
C ARG A 58 -4.20 17.31 -15.21
N PHE A 59 -3.13 16.65 -15.63
CA PHE A 59 -2.43 15.71 -14.76
C PHE A 59 -2.03 16.39 -13.46
N CYS A 60 -1.49 17.61 -13.54
CA CYS A 60 -1.08 18.32 -12.33
C CYS A 60 -2.26 18.73 -11.46
N HIS A 61 -3.37 19.12 -12.08
CA HIS A 61 -4.56 19.52 -11.34
C HIS A 61 -5.10 18.34 -10.54
N ARG A 62 -5.13 17.16 -11.16
CA ARG A 62 -5.61 15.97 -10.48
C ARG A 62 -4.65 15.58 -9.35
N GLN A 63 -3.35 15.69 -9.62
CA GLN A 63 -2.37 15.34 -8.61
C GLN A 63 -2.55 16.20 -7.35
N LYS A 64 -2.96 17.45 -7.52
CA LYS A 64 -3.19 18.30 -6.36
C LYS A 64 -4.40 17.82 -5.55
N GLU A 65 -5.48 17.42 -6.22
CA GLU A 65 -6.67 16.92 -5.51
C GLU A 65 -6.32 15.70 -4.68
N VAL A 66 -5.71 14.72 -5.32
CA VAL A 66 -5.33 13.51 -4.63
C VAL A 66 -4.44 13.84 -3.45
N SER A 67 -3.60 14.85 -3.61
CA SER A 67 -2.69 15.23 -2.55
C SER A 67 -3.42 15.74 -1.29
N GLU A 68 -4.40 16.63 -1.46
CA GLU A 68 -5.17 17.18 -0.34
C GLU A 68 -5.88 16.02 0.37
N GLU A 69 -6.28 14.97 -0.34
CA GLU A 69 -6.97 13.84 0.33
C GLU A 69 -6.00 12.74 0.75
N ASN A 70 -4.73 12.92 0.50
CA ASN A 70 -3.81 11.88 0.94
C ASN A 70 -2.75 12.47 1.88
N HIS A 71 -3.13 13.53 2.59
CA HIS A 71 -2.23 14.16 3.51
C HIS A 71 -1.00 14.75 2.84
N ASN A 72 -1.25 15.45 1.74
CA ASN A 72 -0.24 16.13 0.96
C ASN A 72 0.84 15.23 0.31
N HIS A 73 0.50 13.98 0.08
CA HIS A 73 1.40 13.02 -0.57
C HIS A 73 0.66 12.51 -1.80
N HIS A 74 1.08 12.93 -2.99
CA HIS A 74 0.40 12.49 -4.22
C HIS A 74 0.87 11.13 -4.71
N ASN A 75 1.90 10.61 -4.05
CA ASN A 75 2.43 9.30 -4.36
C ASN A 75 2.67 9.07 -5.86
N GLU A 76 3.46 9.92 -6.49
CA GLU A 76 3.74 9.75 -7.91
C GLU A 76 4.76 8.65 -8.08
N ARG A 77 4.60 7.86 -9.12
CA ARG A 77 5.49 6.76 -9.35
C ARG A 77 5.67 6.50 -10.84
N MET A 78 6.86 6.04 -11.23
CA MET A 78 7.13 5.75 -12.63
C MET A 78 6.86 4.28 -12.95
N LEU A 79 5.89 4.05 -13.83
CA LEU A 79 5.51 2.68 -14.20
C LEU A 79 5.29 2.50 -15.70
N PHE A 80 5.43 1.25 -16.15
CA PHE A 80 5.25 0.92 -17.55
C PHE A 80 3.81 0.63 -17.89
N HIS A 81 3.50 0.71 -19.18
CA HIS A 81 2.17 0.41 -19.66
C HIS A 81 2.28 -0.03 -21.10
N GLY A 82 1.69 -1.19 -21.39
CA GLY A 82 1.70 -1.70 -22.73
C GLY A 82 0.30 -2.00 -23.21
N SER A 83 -0.03 -1.56 -24.41
CA SER A 83 -1.35 -1.81 -24.98
C SER A 83 -1.42 -1.33 -26.42
N PRO A 84 -2.37 -1.88 -27.20
CA PRO A 84 -2.55 -1.51 -28.61
C PRO A 84 -3.05 -0.07 -28.80
N PHE A 85 -3.21 0.67 -27.71
CA PHE A 85 -3.75 2.03 -27.81
C PHE A 85 -2.82 3.17 -27.44
N ILE A 86 -1.52 2.91 -27.48
CA ILE A 86 -0.51 3.91 -27.14
C ILE A 86 -0.58 5.18 -28.00
N ASN A 87 -0.70 5.03 -29.33
CA ASN A 87 -0.76 6.19 -30.21
C ASN A 87 -1.93 7.08 -29.87
N ALA A 88 -3.04 6.46 -29.46
CA ALA A 88 -4.19 7.26 -29.08
C ALA A 88 -3.89 7.92 -27.74
N ILE A 89 -3.28 7.15 -26.84
CA ILE A 89 -2.95 7.65 -25.51
C ILE A 89 -2.06 8.90 -25.51
N ILE A 90 -0.97 8.86 -26.28
CA ILE A 90 -0.03 9.99 -26.33
C ILE A 90 -0.61 11.26 -26.95
N HIS A 91 -1.73 11.14 -27.64
CA HIS A 91 -2.35 12.31 -28.24
C HIS A 91 -3.55 12.79 -27.43
N LYS A 92 -4.37 11.87 -26.94
CA LYS A 92 -5.56 12.25 -26.16
C LYS A 92 -5.45 11.99 -24.65
N GLY A 93 -4.34 11.38 -24.23
CA GLY A 93 -4.17 11.07 -22.82
C GLY A 93 -4.86 9.75 -22.49
N PHE A 94 -4.64 9.23 -21.29
CA PHE A 94 -5.28 8.01 -20.84
C PHE A 94 -6.76 8.31 -20.63
N ASP A 95 -7.63 7.38 -21.00
CA ASP A 95 -9.07 7.59 -20.88
C ASP A 95 -9.76 6.36 -20.32
N GLU A 96 -10.17 6.41 -19.06
CA GLU A 96 -10.81 5.26 -18.42
C GLU A 96 -12.07 4.80 -19.13
N ARG A 97 -12.66 5.65 -19.96
CA ARG A 97 -13.86 5.25 -20.65
C ARG A 97 -13.65 4.01 -21.54
N HIS A 98 -12.39 3.67 -21.84
CA HIS A 98 -12.09 2.49 -22.63
C HIS A 98 -11.71 1.31 -21.70
N ALA A 99 -11.84 1.50 -20.38
CA ALA A 99 -11.54 0.43 -19.43
C ALA A 99 -12.84 -0.25 -19.00
N TYR A 100 -12.88 -1.56 -19.16
CA TYR A 100 -14.08 -2.35 -18.84
C TYR A 100 -13.81 -3.57 -17.96
N ILE A 101 -14.80 -3.88 -17.14
CA ILE A 101 -14.75 -5.04 -16.27
C ILE A 101 -14.86 -6.24 -17.21
N GLY A 102 -13.90 -7.17 -17.14
CA GLY A 102 -13.96 -8.34 -17.98
C GLY A 102 -12.79 -9.28 -17.72
N GLY A 103 -12.99 -10.57 -17.98
CA GLY A 103 -11.93 -11.53 -17.77
C GLY A 103 -11.21 -11.41 -16.42
N MET A 104 -9.89 -11.21 -16.45
CA MET A 104 -9.11 -11.09 -15.22
C MET A 104 -8.84 -9.62 -14.86
N PHE A 105 -9.70 -8.70 -15.33
CA PHE A 105 -9.46 -7.29 -15.01
C PHE A 105 -10.68 -6.43 -14.66
N GLY A 106 -10.46 -5.43 -13.84
CA GLY A 106 -11.53 -4.52 -13.45
C GLY A 106 -11.56 -3.41 -14.48
N ALA A 107 -12.43 -2.42 -14.27
CA ALA A 107 -12.55 -1.33 -15.22
C ALA A 107 -11.53 -0.24 -14.97
N GLY A 108 -10.25 -0.61 -15.02
CA GLY A 108 -9.19 0.36 -14.80
C GLY A 108 -8.04 0.20 -15.78
N ILE A 109 -7.11 1.14 -15.73
CA ILE A 109 -5.94 1.13 -16.58
C ILE A 109 -4.82 0.53 -15.73
N TYR A 110 -4.22 -0.53 -16.25
CA TYR A 110 -3.15 -1.25 -15.55
C TYR A 110 -1.75 -0.85 -15.93
N PHE A 111 -0.88 -0.82 -14.94
CA PHE A 111 0.52 -0.45 -15.11
C PHE A 111 1.41 -1.53 -14.48
N ALA A 112 2.71 -1.46 -14.72
CA ALA A 112 3.64 -2.46 -14.17
C ALA A 112 5.05 -1.93 -13.99
N GLU A 113 5.70 -2.34 -12.90
CA GLU A 113 7.08 -1.90 -12.67
C GLU A 113 8.05 -2.70 -13.57
N ASN A 114 7.59 -3.85 -14.07
CA ASN A 114 8.40 -4.68 -14.96
C ASN A 114 8.05 -4.51 -16.45
N SER A 115 9.00 -4.00 -17.23
CA SER A 115 8.77 -3.78 -18.66
C SER A 115 8.29 -5.03 -19.40
N SER A 116 8.79 -6.21 -19.01
CA SER A 116 8.37 -7.44 -19.69
C SER A 116 6.89 -7.72 -19.42
N LYS A 117 6.34 -7.29 -18.28
CA LYS A 117 4.90 -7.50 -18.02
C LYS A 117 4.13 -6.68 -18.98
N SER A 118 4.50 -5.40 -19.10
CA SER A 118 3.81 -4.51 -20.01
C SER A 118 3.89 -5.02 -21.44
N ASN A 119 5.01 -5.66 -21.78
CA ASN A 119 5.19 -6.19 -23.12
C ASN A 119 4.16 -7.26 -23.43
N GLN A 120 3.72 -8.02 -22.42
CA GLN A 120 2.74 -9.08 -22.67
C GLN A 120 1.41 -8.55 -23.21
N TYR A 121 1.16 -7.25 -23.05
CA TYR A 121 -0.10 -6.68 -23.50
C TYR A 121 -0.09 -5.76 -24.73
N VAL A 122 1.09 -5.47 -25.26
CA VAL A 122 1.19 -4.58 -26.42
C VAL A 122 0.29 -4.96 -27.60
N TYR A 123 0.04 -6.27 -27.80
CA TYR A 123 -0.82 -6.71 -28.88
C TYR A 123 -2.17 -7.26 -28.37
N GLY A 124 -2.48 -7.00 -27.11
CA GLY A 124 -3.73 -7.46 -26.53
C GLY A 124 -3.60 -8.39 -25.33
N ILE A 125 -4.72 -8.65 -24.65
CA ILE A 125 -4.72 -9.55 -23.50
C ILE A 125 -4.09 -10.87 -23.91
N GLY A 126 -3.14 -11.34 -23.12
CA GLY A 126 -2.47 -12.59 -23.44
C GLY A 126 -1.63 -12.47 -24.70
N GLY A 127 -1.40 -11.24 -25.14
CA GLY A 127 -0.63 -11.01 -26.35
C GLY A 127 -1.52 -11.04 -27.58
N GLY A 128 -2.76 -11.48 -27.42
CA GLY A 128 -3.68 -11.54 -28.55
C GLY A 128 -3.20 -12.49 -29.64
N THR A 129 -3.28 -12.05 -30.89
CA THR A 129 -2.84 -12.88 -32.03
C THR A 129 -1.45 -12.47 -32.54
N GLY A 130 -0.71 -11.73 -31.72
CA GLY A 130 0.60 -11.30 -32.14
C GLY A 130 0.55 -10.07 -33.02
N CYS A 131 1.70 -9.71 -33.57
CA CYS A 131 1.81 -8.55 -34.42
C CYS A 131 0.81 -8.66 -35.56
N PRO A 132 0.39 -7.53 -36.12
CA PRO A 132 -0.57 -7.49 -37.22
C PRO A 132 -0.07 -8.15 -38.52
N THR A 133 1.20 -7.94 -38.87
CA THR A 133 1.68 -8.51 -40.13
C THR A 133 1.93 -10.01 -40.16
N HIS A 134 2.62 -10.55 -39.16
CA HIS A 134 2.91 -11.97 -39.14
C HIS A 134 2.04 -12.75 -38.13
N LYS A 135 1.20 -12.02 -37.38
CA LYS A 135 0.34 -12.64 -36.38
C LYS A 135 1.23 -13.52 -35.48
N ASP A 136 2.35 -12.94 -35.05
CA ASP A 136 3.34 -13.63 -34.21
C ASP A 136 3.54 -12.91 -32.88
N ARG A 137 3.24 -13.57 -31.76
CA ARG A 137 3.42 -12.94 -30.45
C ARG A 137 4.91 -12.81 -30.13
N SER A 138 5.74 -13.55 -30.86
CA SER A 138 7.18 -13.49 -30.64
C SER A 138 7.93 -12.84 -31.81
N CYS A 139 7.22 -12.03 -32.61
CA CYS A 139 7.86 -11.39 -33.74
C CYS A 139 9.05 -10.52 -33.32
N TYR A 140 10.17 -10.73 -34.01
CA TYR A 140 11.39 -9.97 -33.74
C TYR A 140 11.52 -8.90 -34.82
N ILE A 141 10.62 -8.95 -35.79
CA ILE A 141 10.61 -8.03 -36.91
C ILE A 141 9.91 -6.73 -36.62
N CYS A 142 8.60 -6.81 -36.37
CA CYS A 142 7.80 -5.63 -36.11
C CYS A 142 8.20 -4.84 -34.88
N HIS A 143 8.00 -3.53 -34.96
CA HIS A 143 8.33 -2.61 -33.89
C HIS A 143 7.19 -2.47 -32.91
N ARG A 144 7.53 -2.53 -31.63
CA ARG A 144 6.56 -2.42 -30.56
C ARG A 144 6.68 -1.10 -29.86
N GLN A 145 5.63 -0.75 -29.12
CA GLN A 145 5.58 0.48 -28.37
C GLN A 145 5.10 0.25 -26.93
N MET A 146 5.70 0.97 -25.99
CA MET A 146 5.27 0.91 -24.60
C MET A 146 5.58 2.26 -23.99
N LEU A 147 4.90 2.57 -22.90
CA LEU A 147 5.06 3.83 -22.23
C LEU A 147 5.61 3.72 -20.82
N PHE A 148 6.49 4.66 -20.48
CA PHE A 148 7.06 4.75 -19.16
C PHE A 148 6.34 6.02 -18.72
N CYS A 149 5.39 5.85 -17.81
CA CYS A 149 4.54 6.94 -17.36
C CYS A 149 4.69 7.47 -15.94
N ARG A 150 4.17 8.68 -15.73
CA ARG A 150 4.14 9.27 -14.40
C ARG A 150 2.77 8.82 -13.92
N VAL A 151 2.72 8.13 -12.78
CA VAL A 151 1.45 7.65 -12.27
C VAL A 151 1.13 8.14 -10.86
N THR A 152 0.05 8.91 -10.74
CA THR A 152 -0.39 9.43 -9.45
C THR A 152 -1.21 8.35 -8.77
N LEU A 153 -0.63 7.69 -7.77
CA LEU A 153 -1.32 6.63 -7.06
C LEU A 153 -2.11 7.06 -5.82
N GLY A 154 -1.75 8.22 -5.27
CA GLY A 154 -2.42 8.69 -4.08
C GLY A 154 -2.43 7.62 -3.00
N LYS A 155 -3.58 7.37 -2.39
CA LYS A 155 -3.68 6.33 -1.37
C LYS A 155 -4.09 5.07 -2.09
N SER A 156 -3.22 4.07 -2.12
CA SER A 156 -3.52 2.83 -2.81
C SER A 156 -4.19 1.82 -1.87
N PHE A 157 -5.19 1.13 -2.39
CA PHE A 157 -5.89 0.10 -1.62
C PHE A 157 -5.26 -1.22 -2.07
N LEU A 158 -4.70 -1.97 -1.13
CA LEU A 158 -4.07 -3.23 -1.48
C LEU A 158 -5.03 -4.42 -1.41
N GLN A 159 -4.98 -5.27 -2.42
CA GLN A 159 -5.83 -6.46 -2.49
C GLN A 159 -5.21 -7.51 -3.41
N PHE A 160 -5.77 -8.71 -3.41
CA PHE A 160 -5.25 -9.80 -4.24
C PHE A 160 -5.82 -9.91 -5.64
N SER A 161 -7.10 -9.63 -5.79
CA SER A 161 -7.73 -9.68 -7.10
C SER A 161 -8.34 -8.33 -7.42
N THR A 162 -8.16 -7.87 -8.64
CA THR A 162 -8.70 -6.57 -9.06
C THR A 162 -9.69 -6.67 -10.21
N MET A 163 -10.31 -7.84 -10.40
CA MET A 163 -11.21 -8.03 -11.53
C MET A 163 -12.65 -7.54 -11.49
N LYS A 164 -13.17 -7.05 -10.37
CA LYS A 164 -14.54 -6.54 -10.47
C LYS A 164 -14.62 -5.12 -9.86
N MET A 165 -13.52 -4.39 -9.94
CA MET A 165 -13.45 -3.02 -9.47
C MET A 165 -13.93 -2.08 -10.59
N ALA A 166 -14.76 -1.11 -10.22
CA ALA A 166 -15.27 -0.11 -11.16
C ALA A 166 -14.55 1.22 -10.88
N HIS A 167 -14.19 1.43 -9.61
CA HIS A 167 -13.50 2.65 -9.18
C HIS A 167 -12.66 2.31 -7.94
N ALA A 168 -11.78 3.21 -7.55
CA ALA A 168 -10.96 2.96 -6.37
C ALA A 168 -11.90 2.98 -5.16
N PRO A 169 -11.59 2.19 -4.12
CA PRO A 169 -12.51 2.22 -2.98
C PRO A 169 -12.61 3.63 -2.37
N PRO A 170 -13.63 3.85 -1.53
CA PRO A 170 -13.80 5.17 -0.89
C PRO A 170 -12.53 5.55 -0.15
N GLY A 171 -12.20 6.84 -0.19
CA GLY A 171 -11.01 7.34 0.47
C GLY A 171 -9.72 7.06 -0.29
N HIS A 172 -9.74 6.17 -1.29
CA HIS A 172 -8.52 5.86 -2.03
C HIS A 172 -8.46 6.41 -3.47
N HIS A 173 -7.27 6.34 -4.05
CA HIS A 173 -7.05 6.84 -5.40
C HIS A 173 -6.45 5.83 -6.37
N SER A 174 -6.20 4.64 -5.87
CA SER A 174 -5.65 3.59 -6.73
C SER A 174 -5.77 2.26 -6.01
N VAL A 175 -5.55 1.20 -6.77
CA VAL A 175 -5.61 -0.15 -6.27
C VAL A 175 -4.40 -0.97 -6.74
N ILE A 176 -3.77 -1.67 -5.81
CA ILE A 176 -2.62 -2.50 -6.15
C ILE A 176 -2.94 -3.96 -5.93
N GLY A 177 -2.93 -4.74 -7.00
CA GLY A 177 -3.17 -6.16 -6.88
C GLY A 177 -1.83 -6.75 -6.48
N ARG A 178 -1.78 -7.44 -5.34
CA ARG A 178 -0.53 -8.01 -4.85
C ARG A 178 -0.42 -9.51 -5.08
N PRO A 179 0.82 -10.04 -5.15
CA PRO A 179 1.10 -11.47 -5.36
C PRO A 179 0.43 -12.44 -4.37
N SER A 180 -0.01 -13.56 -4.89
CA SER A 180 -0.66 -14.58 -4.08
C SER A 180 -0.44 -15.93 -4.74
N VAL A 181 -0.64 -16.99 -3.96
CA VAL A 181 -0.51 -18.36 -4.45
C VAL A 181 -1.84 -18.61 -5.13
N ASN A 182 -1.80 -19.07 -6.38
CA ASN A 182 -3.06 -19.29 -7.10
C ASN A 182 -3.47 -17.91 -7.56
N GLY A 183 -2.57 -16.95 -7.40
CA GLY A 183 -2.89 -15.60 -7.80
C GLY A 183 -1.83 -14.95 -8.66
N LEU A 184 -1.70 -13.64 -8.52
CA LEU A 184 -0.75 -12.87 -9.29
C LEU A 184 0.70 -13.23 -8.99
N ALA A 185 1.59 -12.93 -9.92
CA ALA A 185 2.99 -13.20 -9.69
C ALA A 185 3.75 -11.90 -9.51
N TYR A 186 3.18 -10.83 -10.07
CA TYR A 186 3.78 -9.51 -9.99
C TYR A 186 2.67 -8.53 -9.62
N ALA A 187 2.99 -7.51 -8.85
CA ALA A 187 1.99 -6.53 -8.48
C ALA A 187 1.49 -5.80 -9.70
N GLU A 188 0.22 -5.38 -9.66
CA GLU A 188 -0.37 -4.62 -10.74
C GLU A 188 -0.91 -3.32 -10.13
N TYR A 189 -0.52 -2.20 -10.71
CA TYR A 189 -0.90 -0.87 -10.26
C TYR A 189 -2.05 -0.35 -11.14
N VAL A 190 -3.21 -0.11 -10.53
CA VAL A 190 -4.38 0.31 -11.27
C VAL A 190 -4.96 1.66 -10.87
N ILE A 191 -5.36 2.44 -11.87
CA ILE A 191 -6.00 3.72 -11.64
C ILE A 191 -7.31 3.64 -12.39
N TYR A 192 -8.30 4.42 -11.96
CA TYR A 192 -9.63 4.42 -12.57
C TYR A 192 -9.98 5.78 -13.14
N ARG A 193 -8.97 6.65 -13.17
CA ARG A 193 -9.10 7.99 -13.72
C ARG A 193 -7.91 8.20 -14.66
N GLY A 194 -8.19 8.37 -15.95
CA GLY A 194 -7.12 8.58 -16.91
C GLY A 194 -6.12 9.65 -16.51
N GLU A 195 -6.65 10.76 -15.98
CA GLU A 195 -5.82 11.86 -15.52
C GLU A 195 -4.75 11.58 -14.52
N GLN A 196 -4.75 10.36 -14.00
CA GLN A 196 -3.74 10.01 -12.99
C GLN A 196 -2.49 9.37 -13.57
N ALA A 197 -2.31 9.50 -14.86
CA ALA A 197 -1.14 8.95 -15.52
C ALA A 197 -0.76 9.83 -16.69
N TYR A 198 0.48 10.28 -16.72
CA TYR A 198 0.97 11.09 -17.81
C TYR A 198 1.99 10.22 -18.57
N PRO A 199 1.81 10.05 -19.89
CA PRO A 199 2.75 9.21 -20.66
C PRO A 199 4.08 9.93 -20.96
N GLU A 200 4.90 10.07 -19.93
CA GLU A 200 6.18 10.73 -20.04
C GLU A 200 7.05 10.33 -21.22
N TYR A 201 7.26 9.02 -21.37
CA TYR A 201 8.13 8.50 -22.42
C TYR A 201 7.50 7.47 -23.35
N LEU A 202 7.75 7.64 -24.64
CA LEU A 202 7.27 6.73 -25.66
C LEU A 202 8.48 5.90 -26.09
N ILE A 203 8.45 4.61 -25.80
CA ILE A 203 9.55 3.70 -26.13
C ILE A 203 9.22 2.82 -27.33
N THR A 204 10.03 2.94 -28.38
CA THR A 204 9.87 2.14 -29.59
C THR A 204 10.99 1.12 -29.55
N TYR A 205 10.63 -0.15 -29.73
CA TYR A 205 11.60 -1.22 -29.61
C TYR A 205 11.14 -2.51 -30.26
N GLN A 206 11.99 -3.51 -30.12
CA GLN A 206 11.74 -4.85 -30.60
C GLN A 206 12.30 -5.78 -29.56
N ILE A 207 11.72 -6.97 -29.43
CA ILE A 207 12.28 -7.95 -28.51
C ILE A 207 13.34 -8.58 -29.40
N MET A 208 14.46 -8.99 -28.82
CA MET A 208 15.53 -9.62 -29.58
C MET A 208 15.52 -11.11 -29.28
N LYS A 209 15.83 -11.90 -30.30
CA LYS A 209 15.85 -13.34 -30.14
C LYS A 209 17.06 -13.72 -29.29
N PRO A 210 16.99 -14.88 -28.63
CA PRO A 210 18.12 -15.31 -27.79
C PRO A 210 19.34 -15.64 -28.62
N GLU A 211 20.52 -15.63 -28.00
CA GLU A 211 21.76 -15.95 -28.72
C GLU A 211 22.49 -17.10 -28.06
N GLN B 1 14.37 12.42 32.19
CA GLN B 1 14.99 11.21 31.58
C GLN B 1 13.94 10.20 31.14
N GLY B 2 12.71 10.33 31.66
CA GLY B 2 11.68 9.37 31.28
C GLY B 2 10.48 9.90 30.51
N THR B 3 9.38 9.15 30.57
CA THR B 3 8.18 9.56 29.88
C THR B 3 7.37 10.44 30.81
N ILE B 4 6.58 11.32 30.21
CA ILE B 4 5.72 12.23 30.95
C ILE B 4 4.36 12.04 30.30
N LEU B 5 3.30 11.96 31.10
CA LEU B 5 1.96 11.79 30.57
C LEU B 5 1.17 13.09 30.73
N LEU B 6 0.65 13.62 29.62
CA LEU B 6 -0.10 14.87 29.65
C LEU B 6 -1.59 14.65 29.41
N ASP B 7 -2.41 14.85 30.44
CA ASP B 7 -3.84 14.66 30.30
C ASP B 7 -4.47 15.62 29.34
N LEU B 8 -5.24 15.09 28.40
CA LEU B 8 -5.94 15.94 27.44
C LEU B 8 -7.27 16.33 28.07
N ALA B 9 -7.75 17.53 27.78
CA ALA B 9 -9.03 17.96 28.33
C ALA B 9 -10.15 17.55 27.38
N PRO B 10 -11.33 17.22 27.92
CA PRO B 10 -12.47 16.81 27.10
C PRO B 10 -12.92 17.90 26.14
N GLU B 11 -12.69 19.16 26.51
CA GLU B 11 -13.07 20.27 25.66
C GLU B 11 -12.01 20.48 24.59
N ASP B 12 -10.89 19.76 24.68
CA ASP B 12 -9.89 19.90 23.59
C ASP B 12 -10.23 19.13 22.37
N LYS B 13 -9.93 19.67 21.22
CA LYS B 13 -10.25 18.98 19.96
C LYS B 13 -9.43 17.71 19.80
N GLU B 14 -8.20 17.74 20.32
CA GLU B 14 -7.33 16.56 20.20
C GLU B 14 -7.86 15.34 20.94
N TYR B 15 -8.42 15.57 22.13
CA TYR B 15 -9.01 14.51 22.94
C TYR B 15 -10.20 14.00 22.16
N GLN B 16 -10.99 14.95 21.70
CA GLN B 16 -12.19 14.65 20.94
C GLN B 16 -11.95 13.80 19.70
N SER B 17 -10.92 14.17 18.94
CA SER B 17 -10.59 13.44 17.72
C SER B 17 -10.22 12.00 18.05
N VAL B 18 -9.43 11.82 19.10
CA VAL B 18 -9.00 10.50 19.54
C VAL B 18 -10.22 9.66 19.96
N GLU B 19 -11.04 10.19 20.89
CA GLU B 19 -12.26 9.47 21.30
C GLU B 19 -13.09 8.98 20.17
N GLU B 20 -13.33 9.87 19.23
CA GLU B 20 -14.15 9.55 18.09
C GLU B 20 -13.64 8.37 17.30
N GLU B 21 -12.37 8.45 16.92
CA GLU B 21 -11.80 7.36 16.14
C GLU B 21 -11.94 6.05 16.91
N MET B 22 -11.91 6.12 18.24
CA MET B 22 -12.02 4.92 19.05
C MET B 22 -13.45 4.39 19.14
N GLN B 23 -14.41 5.30 19.33
CA GLN B 23 -15.80 4.88 19.44
C GLN B 23 -16.35 4.41 18.11
N SER B 24 -15.93 5.09 17.04
CA SER B 24 -16.41 4.80 15.68
C SER B 24 -15.82 3.55 15.02
N THR B 25 -14.71 3.07 15.53
CA THR B 25 -14.07 1.90 14.95
C THR B 25 -14.50 0.63 15.67
N ILE B 26 -15.53 0.75 16.49
CA ILE B 26 -16.07 -0.39 17.22
C ILE B 26 -16.82 -1.25 16.21
N ARG B 27 -16.39 -2.50 16.05
CA ARG B 27 -17.04 -3.39 15.10
C ARG B 27 -17.50 -4.71 15.74
N GLU B 28 -18.23 -5.53 14.96
CA GLU B 28 -18.69 -6.85 15.43
C GLU B 28 -17.61 -7.85 15.17
N HIS B 29 -17.46 -8.79 16.08
CA HIS B 29 -16.49 -9.85 15.89
C HIS B 29 -17.26 -11.19 15.80
N ARG B 30 -16.69 -12.11 15.01
CA ARG B 30 -17.23 -13.44 14.81
C ARG B 30 -17.19 -14.21 16.10
N ASP B 31 -16.89 -13.45 17.15
CA ASP B 31 -16.71 -13.94 18.49
C ASP B 31 -17.93 -13.89 19.37
N GLY B 32 -18.81 -12.95 19.06
CA GLY B 32 -19.99 -12.75 19.86
C GLY B 32 -19.58 -12.08 21.16
N GLY B 33 -18.48 -11.32 21.10
CA GLY B 33 -17.97 -10.60 22.25
C GLY B 33 -17.15 -11.41 23.25
N ASN B 34 -17.05 -12.71 23.02
CA ASN B 34 -16.33 -13.61 23.94
C ASN B 34 -14.92 -13.22 24.38
N ALA B 35 -14.16 -12.53 23.52
CA ALA B 35 -12.79 -12.15 23.86
C ALA B 35 -12.66 -10.76 24.50
N GLY B 36 -13.31 -9.77 23.89
CA GLY B 36 -13.23 -8.41 24.42
C GLY B 36 -14.47 -7.94 25.15
N GLY B 37 -15.51 -8.78 25.22
CA GLY B 37 -16.72 -8.40 25.90
C GLY B 37 -17.87 -8.03 24.97
N ILE B 38 -19.05 -7.87 25.55
CA ILE B 38 -20.26 -7.52 24.81
C ILE B 38 -20.61 -6.06 25.08
N PHE B 39 -20.54 -5.22 24.04
CA PHE B 39 -20.79 -3.79 24.19
C PHE B 39 -20.93 -3.11 22.84
N ASN B 40 -21.37 -1.87 22.90
CA ASN B 40 -21.50 -1.13 21.66
C ASN B 40 -20.89 0.25 21.80
N ARG B 41 -20.42 0.57 23.02
CA ARG B 41 -19.82 1.87 23.27
C ARG B 41 -18.79 1.78 24.39
N TYR B 42 -17.86 2.74 24.39
CA TYR B 42 -16.82 2.81 25.41
C TYR B 42 -17.12 3.97 26.33
N ASN B 43 -16.63 3.90 27.56
CA ASN B 43 -16.74 5.03 28.46
C ASN B 43 -15.29 5.49 28.54
N VAL B 44 -14.93 6.46 27.71
CA VAL B 44 -13.56 6.94 27.71
C VAL B 44 -13.40 7.79 28.97
N ILE B 45 -12.56 7.29 29.86
CA ILE B 45 -12.26 7.87 31.16
C ILE B 45 -11.03 8.77 31.22
N ARG B 46 -10.14 8.63 30.27
CA ARG B 46 -8.94 9.44 30.29
C ARG B 46 -8.10 9.23 29.04
N ILE B 47 -7.48 10.30 28.58
CA ILE B 47 -6.62 10.26 27.40
C ILE B 47 -5.40 11.09 27.68
N GLN B 48 -4.25 10.44 27.72
CA GLN B 48 -3.00 11.13 27.99
C GLN B 48 -2.04 11.03 26.82
N LYS B 49 -1.34 12.13 26.58
CA LYS B 49 -0.35 12.19 25.52
C LYS B 49 0.91 11.64 26.14
N VAL B 50 1.54 10.67 25.48
CA VAL B 50 2.77 10.08 26.00
C VAL B 50 3.98 10.86 25.50
N VAL B 51 4.75 11.40 26.42
CA VAL B 51 5.92 12.19 26.02
C VAL B 51 7.23 11.60 26.52
N ASN B 52 8.12 11.28 25.58
CA ASN B 52 9.44 10.74 25.88
C ASN B 52 10.35 11.11 24.70
N LYS B 53 11.21 12.11 24.93
CA LYS B 53 12.12 12.61 23.89
C LYS B 53 12.97 11.52 23.26
N LYS B 54 13.67 10.76 24.10
CA LYS B 54 14.50 9.67 23.58
C LYS B 54 13.65 8.82 22.64
N LEU B 55 12.49 8.38 23.13
CA LEU B 55 11.58 7.53 22.36
C LEU B 55 11.20 8.04 20.98
N ARG B 56 10.67 9.27 20.92
CA ARG B 56 10.32 9.87 19.63
C ARG B 56 11.56 9.97 18.82
N GLU B 57 12.69 10.07 19.52
CA GLU B 57 13.93 10.25 18.78
C GLU B 57 14.23 8.99 17.97
N ARG B 58 14.11 7.83 18.61
CA ARG B 58 14.35 6.57 17.90
C ARG B 58 13.34 6.42 16.77
N PHE B 59 12.09 6.61 17.14
CA PHE B 59 10.98 6.51 16.20
C PHE B 59 11.28 7.32 14.93
N CYS B 60 11.60 8.60 15.10
CA CYS B 60 11.87 9.47 13.96
C CYS B 60 13.09 9.02 13.13
N HIS B 61 14.12 8.53 13.80
CA HIS B 61 15.32 8.08 13.14
C HIS B 61 14.99 6.92 12.19
N ARG B 62 14.24 5.96 12.72
CA ARG B 62 13.85 4.79 11.94
C ARG B 62 12.83 5.17 10.86
N GLN B 63 12.06 6.23 11.10
CA GLN B 63 11.06 6.66 10.12
C GLN B 63 11.77 7.21 8.89
N LYS B 64 12.91 7.85 9.10
CA LYS B 64 13.66 8.41 8.00
C LYS B 64 14.20 7.25 7.18
N GLU B 65 14.79 6.26 7.85
CA GLU B 65 15.34 5.09 7.18
C GLU B 65 14.31 4.43 6.27
N VAL B 66 13.12 4.22 6.79
CA VAL B 66 12.07 3.57 6.00
C VAL B 66 11.67 4.40 4.78
N SER B 67 11.53 5.71 4.98
CA SER B 67 11.14 6.60 3.90
C SER B 67 12.18 6.59 2.79
N GLU B 68 13.46 6.49 3.13
CA GLU B 68 14.50 6.49 2.08
C GLU B 68 14.42 5.21 1.24
N GLU B 69 14.05 4.10 1.87
CA GLU B 69 13.91 2.79 1.20
C GLU B 69 12.56 2.61 0.51
N ASN B 70 11.62 3.51 0.77
CA ASN B 70 10.30 3.37 0.18
C ASN B 70 9.91 4.57 -0.68
N HIS B 71 10.69 4.82 -1.73
CA HIS B 71 10.45 5.95 -2.64
C HIS B 71 9.97 7.17 -1.83
N ASN B 72 10.67 7.46 -0.71
CA ASN B 72 10.37 8.48 0.26
C ASN B 72 8.90 8.58 0.73
N HIS B 73 8.38 7.41 1.04
CA HIS B 73 7.04 7.31 1.56
C HIS B 73 7.11 6.52 2.90
N HIS B 74 7.25 7.19 4.04
CA HIS B 74 7.31 6.44 5.29
C HIS B 74 5.95 5.80 5.59
N ASN B 75 4.89 6.47 5.12
CA ASN B 75 3.50 6.05 5.26
C ASN B 75 3.02 5.63 6.65
N GLU B 76 3.10 6.65 7.46
CA GLU B 76 2.69 6.57 8.80
C GLU B 76 1.19 6.46 8.89
N ARG B 77 0.74 5.71 9.90
CA ARG B 77 -0.67 5.58 10.13
C ARG B 77 -0.93 5.57 11.62
N MET B 78 -2.16 5.90 11.98
CA MET B 78 -2.57 5.91 13.38
C MET B 78 -3.34 4.61 13.63
N LEU B 79 -2.75 3.69 14.39
CA LEU B 79 -3.39 2.41 14.66
C LEU B 79 -3.51 2.16 16.16
N PHE B 80 -4.49 1.33 16.54
CA PHE B 80 -4.69 0.99 17.95
C PHE B 80 -3.86 -0.26 18.28
N HIS B 81 -3.42 -0.37 19.53
CA HIS B 81 -2.68 -1.53 20.00
C HIS B 81 -3.15 -1.85 21.40
N GLY B 82 -3.51 -3.11 21.62
CA GLY B 82 -3.97 -3.54 22.91
C GLY B 82 -3.24 -4.77 23.38
N SER B 83 -2.80 -4.74 24.63
CA SER B 83 -2.09 -5.86 25.23
C SER B 83 -1.86 -5.55 26.71
N PRO B 84 -1.48 -6.57 27.47
CA PRO B 84 -1.23 -6.46 28.91
C PRO B 84 0.08 -5.74 29.26
N PHE B 85 0.88 -5.38 28.26
CA PHE B 85 2.18 -4.75 28.51
C PHE B 85 2.30 -3.27 28.21
N ILE B 86 1.17 -2.60 28.06
CA ILE B 86 1.15 -1.18 27.74
C ILE B 86 1.92 -0.30 28.71
N ASN B 87 1.87 -0.57 30.01
CA ASN B 87 2.63 0.32 30.91
C ASN B 87 4.12 0.16 30.68
N ALA B 88 4.57 -1.04 30.30
CA ALA B 88 5.98 -1.25 30.02
C ALA B 88 6.31 -0.49 28.73
N ILE B 89 5.37 -0.54 27.79
CA ILE B 89 5.53 0.09 26.48
C ILE B 89 5.68 1.62 26.50
N ILE B 90 4.89 2.31 27.31
CA ILE B 90 4.96 3.77 27.35
C ILE B 90 6.24 4.31 28.00
N HIS B 91 6.94 3.48 28.76
CA HIS B 91 8.21 3.91 29.36
C HIS B 91 9.35 3.31 28.56
N LYS B 92 9.22 2.03 28.23
CA LYS B 92 10.29 1.37 27.51
C LYS B 92 10.24 1.43 25.97
N GLY B 93 9.06 1.71 25.43
CA GLY B 93 8.88 1.76 23.99
C GLY B 93 8.51 0.37 23.54
N PHE B 94 8.12 0.21 22.27
CA PHE B 94 7.79 -1.11 21.74
C PHE B 94 9.10 -1.87 21.55
N ASP B 95 9.10 -3.17 21.81
CA ASP B 95 10.33 -3.97 21.72
C ASP B 95 10.07 -5.40 21.18
N GLU B 96 10.46 -5.63 19.92
CA GLU B 96 10.29 -6.92 19.25
C GLU B 96 10.83 -8.10 20.06
N ARG B 97 11.85 -7.82 20.88
CA ARG B 97 12.48 -8.86 21.70
C ARG B 97 11.48 -9.57 22.60
N HIS B 98 10.29 -8.98 22.74
CA HIS B 98 9.22 -9.56 23.53
C HIS B 98 8.17 -10.17 22.62
N ALA B 99 8.45 -10.18 21.32
CA ALA B 99 7.55 -10.75 20.33
C ALA B 99 8.09 -12.13 19.94
N TYR B 100 7.21 -13.12 19.82
CA TYR B 100 7.63 -14.48 19.49
C TYR B 100 6.71 -15.24 18.57
N ILE B 101 7.30 -16.06 17.71
CA ILE B 101 6.54 -16.91 16.81
C ILE B 101 5.82 -17.86 17.73
N GLY B 102 4.51 -17.94 17.61
CA GLY B 102 3.80 -18.85 18.48
C GLY B 102 2.39 -19.05 18.01
N GLY B 103 1.96 -20.30 17.92
CA GLY B 103 0.60 -20.57 17.49
C GLY B 103 0.11 -19.67 16.36
N MET B 104 -0.90 -18.84 16.49
CA MET B 104 -1.31 -18.02 15.34
C MET B 104 -0.58 -16.76 15.02
N PHE B 105 0.51 -16.47 15.73
CA PHE B 105 1.18 -15.21 15.43
C PHE B 105 2.68 -15.29 15.13
N GLY B 106 3.18 -14.26 14.45
CA GLY B 106 4.59 -14.17 14.11
C GLY B 106 5.33 -13.42 15.20
N ALA B 107 6.63 -13.21 15.05
CA ALA B 107 7.37 -12.51 16.09
C ALA B 107 7.35 -11.00 15.90
N GLY B 108 6.14 -10.48 15.69
CA GLY B 108 5.92 -9.07 15.51
C GLY B 108 4.89 -8.47 16.47
N ILE B 109 4.76 -7.15 16.42
CA ILE B 109 3.82 -6.41 17.27
C ILE B 109 2.57 -6.12 16.43
N TYR B 110 1.38 -6.38 16.99
CA TYR B 110 0.14 -6.16 16.26
C TYR B 110 -0.64 -4.90 16.61
N PHE B 111 -1.14 -4.23 15.58
CA PHE B 111 -1.93 -3.01 15.68
C PHE B 111 -3.15 -3.25 14.81
N ALA B 112 -4.21 -2.51 15.06
CA ALA B 112 -5.43 -2.66 14.29
C ALA B 112 -6.07 -1.30 14.08
N GLU B 113 -6.85 -1.16 13.02
CA GLU B 113 -7.52 0.11 12.77
C GLU B 113 -8.81 0.20 13.58
N ASN B 114 -9.34 -0.94 13.99
CA ASN B 114 -10.55 -0.95 14.80
C ASN B 114 -10.21 -1.13 16.27
N SER B 115 -10.61 -0.17 17.09
CA SER B 115 -10.35 -0.23 18.52
C SER B 115 -10.91 -1.51 19.15
N SER B 116 -12.05 -2.01 18.68
CA SER B 116 -12.62 -3.22 19.29
C SER B 116 -11.77 -4.48 19.07
N LYS B 117 -11.04 -4.54 17.96
CA LYS B 117 -10.18 -5.70 17.72
C LYS B 117 -9.05 -5.69 18.75
N SER B 118 -8.50 -4.51 19.01
CA SER B 118 -7.43 -4.36 19.99
C SER B 118 -7.95 -4.63 21.41
N ASN B 119 -9.19 -4.23 21.69
CA ASN B 119 -9.78 -4.46 23.01
C ASN B 119 -9.88 -5.95 23.30
N GLN B 120 -9.86 -6.79 22.25
CA GLN B 120 -9.91 -8.24 22.46
C GLN B 120 -8.57 -8.76 23.02
N TYR B 121 -7.55 -7.91 23.04
CA TYR B 121 -6.20 -8.30 23.51
C TYR B 121 -5.67 -7.65 24.77
N VAL B 122 -6.46 -6.81 25.41
CA VAL B 122 -6.03 -6.14 26.62
C VAL B 122 -5.67 -7.17 27.69
N TYR B 123 -6.51 -8.18 27.84
CA TYR B 123 -6.29 -9.23 28.81
C TYR B 123 -5.58 -10.44 28.23
N GLY B 124 -4.88 -10.25 27.12
CA GLY B 124 -4.17 -11.36 26.52
C GLY B 124 -4.80 -11.92 25.26
N ILE B 125 -4.18 -12.95 24.67
CA ILE B 125 -4.69 -13.59 23.47
C ILE B 125 -6.05 -14.19 23.81
N GLY B 126 -7.02 -13.95 22.93
CA GLY B 126 -8.36 -14.47 23.14
C GLY B 126 -9.01 -13.86 24.36
N GLY B 127 -8.41 -12.79 24.87
CA GLY B 127 -8.96 -12.13 26.04
C GLY B 127 -8.46 -12.73 27.34
N GLY B 128 -7.50 -13.65 27.24
CA GLY B 128 -6.93 -14.28 28.42
C GLY B 128 -8.02 -14.82 29.33
N THR B 129 -7.90 -14.54 30.63
CA THR B 129 -8.89 -14.98 31.60
C THR B 129 -9.69 -13.75 32.05
N GLY B 130 -9.88 -12.83 31.12
CA GLY B 130 -10.62 -11.61 31.40
C GLY B 130 -9.83 -10.72 32.35
N CYS B 131 -10.53 -9.85 33.08
CA CYS B 131 -9.89 -8.96 34.03
C CYS B 131 -9.31 -9.76 35.19
N PRO B 132 -8.26 -9.25 35.83
CA PRO B 132 -7.60 -9.90 36.98
C PRO B 132 -8.58 -10.15 38.13
N THR B 133 -9.08 -9.05 38.69
CA THR B 133 -10.00 -9.10 39.82
C THR B 133 -11.27 -9.93 39.66
N HIS B 134 -11.93 -9.82 38.51
CA HIS B 134 -13.17 -10.56 38.29
C HIS B 134 -13.11 -11.71 37.28
N LYS B 135 -11.91 -11.99 36.75
CA LYS B 135 -11.73 -13.07 35.79
C LYS B 135 -12.89 -13.06 34.79
N ASP B 136 -13.23 -11.86 34.30
CA ASP B 136 -14.35 -11.64 33.39
C ASP B 136 -13.95 -10.88 32.13
N ARG B 137 -14.05 -11.53 30.98
CA ARG B 137 -13.65 -10.88 29.73
C ARG B 137 -14.60 -9.78 29.29
N SER B 138 -15.80 -9.75 29.85
CA SER B 138 -16.77 -8.72 29.51
C SER B 138 -17.03 -7.79 30.68
N CYS B 139 -16.03 -7.66 31.56
CA CYS B 139 -16.17 -6.82 32.75
C CYS B 139 -16.42 -5.33 32.43
N TYR B 140 -17.40 -4.74 33.12
CA TYR B 140 -17.78 -3.34 32.91
C TYR B 140 -17.32 -2.44 34.06
N ILE B 141 -16.67 -3.05 35.05
CA ILE B 141 -16.19 -2.37 36.24
C ILE B 141 -14.73 -1.97 36.10
N CYS B 142 -13.88 -2.96 35.90
CA CYS B 142 -12.46 -2.73 35.78
C CYS B 142 -12.07 -1.82 34.62
N HIS B 143 -11.02 -1.03 34.83
CA HIS B 143 -10.53 -0.09 33.81
C HIS B 143 -9.52 -0.70 32.84
N ARG B 144 -9.79 -0.55 31.56
CA ARG B 144 -8.90 -1.10 30.54
C ARG B 144 -8.04 0.02 29.95
N GLN B 145 -6.95 -0.37 29.28
CA GLN B 145 -6.04 0.59 28.66
C GLN B 145 -5.74 0.19 27.23
N MET B 146 -5.58 1.18 26.36
CA MET B 146 -5.20 0.89 24.99
C MET B 146 -4.42 2.08 24.43
N LEU B 147 -3.58 1.80 23.45
CA LEU B 147 -2.74 2.84 22.87
C LEU B 147 -3.14 3.18 21.45
N PHE B 148 -3.15 4.47 21.15
CA PHE B 148 -3.44 4.93 19.80
C PHE B 148 -2.04 5.42 19.38
N CYS B 149 -1.38 4.66 18.49
CA CYS B 149 -0.01 5.00 18.12
C CYS B 149 0.31 5.38 16.68
N ARG B 150 1.47 5.99 16.50
CA ARG B 150 1.94 6.32 15.18
C ARG B 150 2.68 5.05 14.77
N VAL B 151 2.36 4.53 13.61
CA VAL B 151 3.01 3.31 13.14
C VAL B 151 3.61 3.54 11.77
N THR B 152 4.90 3.32 11.66
CA THR B 152 5.61 3.47 10.42
C THR B 152 5.42 2.17 9.62
N LEU B 153 4.62 2.25 8.56
CA LEU B 153 4.35 1.08 7.73
C LEU B 153 5.26 0.89 6.54
N GLY B 154 5.78 1.99 5.99
CA GLY B 154 6.64 1.89 4.81
C GLY B 154 5.88 1.08 3.78
N LYS B 155 6.54 0.10 3.16
CA LYS B 155 5.87 -0.74 2.18
C LYS B 155 5.30 -1.94 2.96
N SER B 156 4.01 -2.19 2.81
CA SER B 156 3.37 -3.30 3.52
C SER B 156 3.19 -4.55 2.66
N PHE B 157 3.54 -5.69 3.23
CA PHE B 157 3.36 -6.97 2.55
C PHE B 157 1.97 -7.52 2.91
N LEU B 158 1.19 -7.89 1.90
CA LEU B 158 -0.16 -8.43 2.11
C LEU B 158 -0.03 -9.94 2.11
N GLN B 159 -0.23 -10.54 3.29
CA GLN B 159 -0.19 -11.99 3.45
C GLN B 159 -1.48 -12.64 2.95
N PHE B 160 -1.35 -13.77 2.26
CA PHE B 160 -2.46 -14.69 2.09
C PHE B 160 -2.21 -16.00 2.84
N SER B 161 -0.93 -16.28 3.10
CA SER B 161 -0.54 -17.56 3.66
C SER B 161 -0.68 -17.79 5.11
N THR B 162 -0.34 -18.99 5.54
CA THR B 162 -0.50 -19.19 6.97
C THR B 162 0.79 -18.83 7.71
N MET B 163 1.88 -19.07 7.09
CA MET B 163 3.23 -18.86 7.60
C MET B 163 3.29 -17.64 8.52
N LYS B 164 4.61 -17.82 9.28
CA LYS B 164 4.86 -16.91 10.40
C LYS B 164 6.23 -16.23 10.26
N MET B 165 6.02 -14.98 10.31
CA MET B 165 7.31 -14.33 10.07
C MET B 165 8.09 -13.85 11.30
N ALA B 166 9.40 -13.74 11.14
CA ALA B 166 10.29 -13.27 12.19
C ALA B 166 10.58 -11.80 11.91
N HIS B 167 10.63 -11.49 10.61
CA HIS B 167 10.90 -10.14 10.15
C HIS B 167 10.03 -9.81 8.95
N ALA B 168 10.01 -8.54 8.57
CA ALA B 168 9.27 -8.09 7.41
C ALA B 168 9.95 -8.67 6.17
N PRO B 169 9.16 -9.00 5.14
CA PRO B 169 9.71 -9.56 3.90
C PRO B 169 10.69 -8.59 3.25
N PRO B 170 11.58 -9.09 2.37
CA PRO B 170 12.55 -8.23 1.69
C PRO B 170 11.87 -7.10 0.93
N GLY B 171 12.35 -5.88 1.12
CA GLY B 171 11.77 -4.73 0.44
C GLY B 171 10.51 -4.19 1.08
N HIS B 172 10.13 -4.76 2.23
CA HIS B 172 8.93 -4.32 2.93
C HIS B 172 9.26 -3.92 4.38
N HIS B 173 8.34 -3.23 5.02
CA HIS B 173 8.56 -2.76 6.39
C HIS B 173 7.42 -3.12 7.34
N SER B 174 6.47 -3.90 6.84
CA SER B 174 5.34 -4.30 7.65
C SER B 174 4.51 -5.35 6.92
N VAL B 175 3.48 -5.83 7.60
CA VAL B 175 2.61 -6.83 7.02
C VAL B 175 1.17 -6.49 7.35
N ILE B 176 0.28 -6.71 6.38
CA ILE B 176 -1.14 -6.44 6.57
C ILE B 176 -1.94 -7.72 6.47
N GLY B 177 -2.87 -7.91 7.41
CA GLY B 177 -3.69 -9.10 7.41
C GLY B 177 -5.08 -8.89 6.85
N ALA B 187 -8.74 -4.22 8.75
CA ALA B 187 -7.35 -4.54 8.47
C ALA B 187 -6.54 -4.74 9.76
N GLU B 188 -5.50 -5.57 9.69
CA GLU B 188 -4.62 -5.84 10.85
C GLU B 188 -3.15 -5.58 10.44
N TYR B 189 -2.42 -4.85 11.27
CA TYR B 189 -1.03 -4.47 10.95
C TYR B 189 0.08 -4.99 11.85
N VAL B 190 1.18 -5.41 11.24
CA VAL B 190 2.31 -5.93 11.98
C VAL B 190 3.64 -5.27 11.63
N ILE B 191 4.49 -5.10 12.64
CA ILE B 191 5.83 -4.55 12.46
C ILE B 191 6.73 -5.47 13.25
N TYR B 192 7.98 -5.61 12.79
CA TYR B 192 8.93 -6.51 13.43
C TYR B 192 10.10 -5.76 14.03
N ARG B 193 9.90 -4.46 14.15
CA ARG B 193 10.87 -3.55 14.75
C ARG B 193 10.03 -2.62 15.61
N GLY B 194 10.32 -2.60 16.90
CA GLY B 194 9.57 -1.75 17.82
C GLY B 194 9.70 -0.26 17.60
N GLU B 195 10.80 0.15 16.97
CA GLU B 195 11.06 1.56 16.67
C GLU B 195 10.13 2.08 15.58
N GLN B 196 9.30 1.20 15.01
CA GLN B 196 8.41 1.65 13.95
C GLN B 196 7.02 2.03 14.46
N ALA B 197 6.88 2.16 15.78
CA ALA B 197 5.62 2.55 16.38
C ALA B 197 5.84 3.40 17.63
N TYR B 198 5.15 4.54 17.71
CA TYR B 198 5.25 5.42 18.87
C TYR B 198 3.93 5.38 19.65
N PRO B 199 3.96 5.11 20.96
CA PRO B 199 2.69 5.08 21.68
C PRO B 199 2.19 6.48 22.03
N GLU B 200 1.70 7.19 21.01
CA GLU B 200 1.19 8.55 21.15
C GLU B 200 0.17 8.78 22.25
N TYR B 201 -0.90 8.00 22.26
CA TYR B 201 -1.98 8.14 23.23
C TYR B 201 -2.31 6.98 24.14
N LEU B 202 -2.40 7.28 25.42
CA LEU B 202 -2.77 6.26 26.39
C LEU B 202 -4.24 6.54 26.70
N ILE B 203 -5.07 5.56 26.41
CA ILE B 203 -6.49 5.70 26.63
C ILE B 203 -6.95 4.77 27.73
N THR B 204 -7.60 5.34 28.72
CA THR B 204 -8.13 4.58 29.84
C THR B 204 -9.62 4.51 29.59
N TYR B 205 -10.19 3.32 29.69
CA TYR B 205 -11.59 3.18 29.39
C TYR B 205 -12.20 1.89 29.90
N GLN B 206 -13.52 1.82 29.76
CA GLN B 206 -14.30 0.66 30.14
C GLN B 206 -15.24 0.41 28.97
N ILE B 207 -15.71 -0.83 28.85
CA ILE B 207 -16.67 -1.18 27.82
C ILE B 207 -18.00 -0.95 28.53
N MET B 208 -19.05 -0.58 27.81
CA MET B 208 -20.32 -0.33 28.47
C MET B 208 -21.44 -1.28 28.11
N LYS B 209 -22.31 -1.51 29.10
CA LYS B 209 -23.47 -2.39 28.94
C LYS B 209 -24.35 -1.99 27.80
N PRO B 210 -24.86 -3.00 27.09
CA PRO B 210 -25.75 -2.64 25.98
C PRO B 210 -26.97 -2.14 26.72
N GLU B 211 -27.75 -1.26 26.11
CA GLU B 211 -28.94 -0.76 26.79
C GLU B 211 -30.18 -1.49 26.21
#